data_7XFU
#
_entry.id   7XFU
#
_cell.length_a   34.865
_cell.length_b   34.865
_cell.length_c   114.467
_cell.angle_alpha   90.000
_cell.angle_beta   90.000
_cell.angle_gamma   90.000
#
_symmetry.space_group_name_H-M   'P 43'
#
loop_
_entity.id
_entity.type
_entity.pdbx_description
1 polymer 'Putative zinc metalloprotease PA3649,peptide GPAVLA'
2 water water
#
_entity_poly.entity_id   1
_entity_poly.type   'polypeptide(L)'
_entity_poly.pdbx_seq_one_letter_code
;SLPPVLAELDPKGPAQAAGLKLGDRLQSIDGIAVDDWQQVVDSVRARPGQRVQLKVLRDGEVLDVALELAVRGEGKARSG
YMGAGVAGTGPAVLA
;
_entity_poly.pdbx_strand_id   A,B
#
# COMPACT_ATOMS: atom_id res chain seq x y z
N SER A 1 18.14 19.96 2.82
CA SER A 1 17.20 19.00 2.20
C SER A 1 17.93 17.71 1.87
N LEU A 2 17.56 16.62 2.52
CA LEU A 2 18.18 15.33 2.26
C LEU A 2 17.33 14.52 1.30
N PRO A 3 17.90 13.96 0.23
CA PRO A 3 17.12 13.10 -0.67
C PRO A 3 16.52 11.93 0.08
N PRO A 4 15.28 11.57 -0.21
CA PRO A 4 14.59 10.50 0.54
C PRO A 4 14.93 9.11 0.01
N VAL A 5 16.20 8.75 0.15
CA VAL A 5 16.79 7.52 -0.36
C VAL A 5 17.19 6.69 0.85
N LEU A 6 16.65 5.47 0.95
CA LEU A 6 16.82 4.68 2.15
C LEU A 6 18.24 4.14 2.24
N ALA A 7 18.89 4.38 3.38
CA ALA A 7 20.23 3.86 3.64
C ALA A 7 20.28 2.94 4.85
N GLU A 8 19.22 2.89 5.66
CA GLU A 8 19.19 1.98 6.79
C GLU A 8 17.75 1.52 7.01
N LEU A 9 17.61 0.31 7.56
CA LEU A 9 16.31 -0.28 7.84
C LEU A 9 16.38 -1.01 9.17
N ASP A 10 15.38 -0.80 10.01
CA ASP A 10 15.20 -1.58 11.22
C ASP A 10 14.69 -2.97 10.84
N PRO A 11 15.41 -4.05 11.18
CA PRO A 11 14.97 -5.39 10.76
C PRO A 11 13.63 -5.80 11.36
N LYS A 12 13.22 -5.18 12.46
CA LYS A 12 11.92 -5.45 13.07
C LYS A 12 10.89 -4.35 12.82
N GLY A 13 11.16 -3.43 11.91
CA GLY A 13 10.28 -2.31 11.68
C GLY A 13 9.28 -2.53 10.57
N PRO A 14 8.31 -1.61 10.49
CA PRO A 14 7.31 -1.68 9.41
C PRO A 14 7.90 -1.60 8.00
N ALA A 15 8.95 -0.80 7.79
CA ALA A 15 9.45 -0.61 6.43
C ALA A 15 10.00 -1.90 5.84
N GLN A 16 10.86 -2.62 6.57
CA GLN A 16 11.37 -3.87 6.02
C GLN A 16 10.23 -4.86 5.83
N ALA A 17 9.31 -4.93 6.80
CA ALA A 17 8.19 -5.84 6.68
C ALA A 17 7.34 -5.54 5.44
N ALA A 18 7.29 -4.28 5.03
CA ALA A 18 6.50 -3.84 3.88
C ALA A 18 7.20 -4.10 2.55
N GLY A 19 8.45 -4.55 2.57
CA GLY A 19 9.17 -4.80 1.34
C GLY A 19 10.03 -3.66 0.85
N LEU A 20 10.26 -2.66 1.68
CA LEU A 20 11.19 -1.60 1.32
C LEU A 20 12.63 -2.11 1.41
N LYS A 21 13.51 -1.51 0.62
CA LYS A 21 14.89 -1.98 0.52
C LYS A 21 15.85 -0.80 0.51
N LEU A 22 17.07 -1.07 0.96
CA LEU A 22 18.14 -0.07 0.83
C LEU A 22 18.24 0.40 -0.62
N GLY A 23 18.39 1.71 -0.79
CA GLY A 23 18.48 2.31 -2.09
C GLY A 23 17.15 2.80 -2.65
N ASP A 24 16.04 2.36 -2.07
CA ASP A 24 14.73 2.83 -2.51
C ASP A 24 14.62 4.34 -2.34
N ARG A 25 14.00 5.00 -3.32
CA ARG A 25 13.68 6.41 -3.20
C ARG A 25 12.17 6.58 -3.02
N LEU A 26 11.78 7.27 -1.96
CA LEU A 26 10.37 7.53 -1.65
C LEU A 26 9.89 8.68 -2.52
N GLN A 27 8.91 8.40 -3.38
CA GLN A 27 8.41 9.42 -4.29
C GLN A 27 7.18 10.15 -3.77
N SER A 28 6.31 9.44 -3.05
CA SER A 28 5.11 10.09 -2.51
C SER A 28 4.64 9.31 -1.29
N ILE A 29 3.95 10.01 -0.39
CA ILE A 29 3.27 9.38 0.76
C ILE A 29 1.80 9.76 0.67
N ASP A 30 0.93 8.75 0.64
CA ASP A 30 -0.50 8.98 0.53
C ASP A 30 -0.83 10.01 -0.55
N GLY A 31 -0.17 9.87 -1.70
CA GLY A 31 -0.47 10.67 -2.85
C GLY A 31 0.20 12.02 -2.89
N ILE A 32 0.99 12.38 -1.89
CA ILE A 32 1.63 13.68 -1.83
C ILE A 32 3.12 13.51 -2.09
N ALA A 33 3.61 14.19 -3.13
CA ALA A 33 5.02 14.11 -3.50
C ALA A 33 5.94 14.43 -2.33
N VAL A 34 6.98 13.61 -2.19
CA VAL A 34 7.97 13.79 -1.12
C VAL A 34 9.05 14.74 -1.60
N ASP A 35 9.23 15.84 -0.89
CA ASP A 35 10.25 16.81 -1.27
C ASP A 35 11.62 16.44 -0.73
N ASP A 36 11.67 15.90 0.50
CA ASP A 36 12.93 15.62 1.17
C ASP A 36 12.65 14.68 2.33
N TRP A 37 13.72 14.25 2.99
CA TRP A 37 13.57 13.28 4.08
C TRP A 37 12.81 13.88 5.27
N GLN A 38 13.01 15.16 5.57
CA GLN A 38 12.33 15.73 6.73
C GLN A 38 10.82 15.64 6.59
N GLN A 39 10.31 15.75 5.36
CA GLN A 39 8.86 15.62 5.15
C GLN A 39 8.37 14.22 5.53
N VAL A 40 9.15 13.19 5.18
CA VAL A 40 8.81 11.82 5.58
C VAL A 40 8.82 11.71 7.10
N VAL A 41 9.90 12.17 7.74
CA VAL A 41 10.00 12.15 9.20
C VAL A 41 8.79 12.79 9.83
N ASP A 42 8.46 14.01 9.39
CA ASP A 42 7.38 14.76 10.01
C ASP A 42 6.04 14.04 9.82
N SER A 43 5.83 13.48 8.63
CA SER A 43 4.57 12.80 8.36
CA SER A 43 4.56 12.81 8.36
C SER A 43 4.44 11.51 9.15
N VAL A 44 5.53 10.73 9.23
CA VAL A 44 5.51 9.49 9.98
C VAL A 44 5.32 9.74 11.46
N ARG A 45 6.10 10.69 12.00
CA ARG A 45 6.03 10.97 13.43
C ARG A 45 4.62 11.34 13.87
N ALA A 46 3.87 11.99 12.99
CA ALA A 46 2.52 12.44 13.31
C ALA A 46 1.47 11.34 13.24
N ARG A 47 1.81 10.14 12.76
CA ARG A 47 0.80 9.13 12.42
C ARG A 47 1.08 7.78 13.08
N PRO A 48 1.18 7.72 14.40
CA PRO A 48 1.32 6.41 15.06
C PRO A 48 0.15 5.51 14.72
N GLY A 49 0.46 4.28 14.31
CA GLY A 49 -0.54 3.27 14.06
C GLY A 49 -1.23 3.34 12.71
N GLN A 50 -0.90 4.31 11.87
CA GLN A 50 -1.70 4.60 10.68
C GLN A 50 -1.17 3.84 9.46
N ARG A 51 -2.11 3.42 8.61
CA ARG A 51 -1.74 2.91 7.30
C ARG A 51 -1.21 4.03 6.41
N VAL A 52 -0.10 3.78 5.73
CA VAL A 52 0.43 4.73 4.76
C VAL A 52 0.76 3.99 3.48
N GLN A 53 0.53 4.67 2.36
CA GLN A 53 0.83 4.12 1.04
C GLN A 53 1.91 4.98 0.38
N LEU A 54 2.89 4.32 -0.23
CA LEU A 54 4.03 4.98 -0.84
C LEU A 54 4.12 4.66 -2.32
N LYS A 55 4.57 5.63 -3.10
CA LYS A 55 5.17 5.35 -4.41
C LYS A 55 6.68 5.36 -4.20
N VAL A 56 7.35 4.34 -4.74
CA VAL A 56 8.76 4.07 -4.50
C VAL A 56 9.45 3.81 -5.82
N LEU A 57 10.59 4.46 -6.04
CA LEU A 57 11.45 4.21 -7.18
C LEU A 57 12.56 3.26 -6.77
N ARG A 58 12.60 2.08 -7.40
CA ARG A 58 13.62 1.08 -7.13
C ARG A 58 14.25 0.66 -8.45
N ASP A 59 15.54 0.96 -8.61
CA ASP A 59 16.30 0.55 -9.79
C ASP A 59 15.53 0.85 -11.08
N GLY A 60 15.00 2.07 -11.16
CA GLY A 60 14.32 2.57 -12.35
C GLY A 60 12.87 2.16 -12.49
N GLU A 61 12.34 1.35 -11.59
CA GLU A 61 10.95 0.93 -11.65
C GLU A 61 10.18 1.53 -10.48
N VAL A 62 8.99 2.05 -10.78
CA VAL A 62 8.11 2.60 -9.75
C VAL A 62 7.20 1.51 -9.23
N LEU A 63 7.13 1.37 -7.91
CA LEU A 63 6.25 0.37 -7.34
C LEU A 63 5.41 1.02 -6.24
N ASP A 64 4.38 0.29 -5.83
CA ASP A 64 3.45 0.72 -4.80
C ASP A 64 3.74 -0.08 -3.55
N VAL A 65 3.88 0.61 -2.41
CA VAL A 65 4.18 -0.04 -1.15
C VAL A 65 3.18 0.43 -0.10
N ALA A 66 2.69 -0.49 0.71
CA ALA A 66 1.80 -0.15 1.81
C ALA A 66 2.40 -0.60 3.13
N LEU A 67 2.21 0.18 4.18
CA LEU A 67 2.64 -0.30 5.48
C LEU A 67 1.73 0.26 6.55
N GLU A 68 1.88 -0.28 7.76
CA GLU A 68 1.24 0.29 8.93
C GLU A 68 2.33 0.78 9.87
N LEU A 69 2.26 2.06 10.21
CA LEU A 69 3.27 2.65 11.06
C LEU A 69 3.15 2.12 12.48
N ALA A 70 4.30 1.91 13.09
CA ALA A 70 4.36 1.44 14.46
C ALA A 70 4.44 2.68 15.35
N VAL A 71 4.74 2.47 16.63
CA VAL A 71 4.72 3.52 17.65
C VAL A 71 6.00 3.41 18.46
N ARG A 72 6.58 4.55 18.81
CA ARG A 72 7.73 4.62 19.70
C ARG A 72 7.60 5.85 20.58
N GLY A 73 8.18 5.79 21.77
CA GLY A 73 8.12 6.91 22.69
C GLY A 73 6.88 6.87 23.55
N GLU A 74 6.83 7.80 24.51
CA GLU A 74 5.78 7.85 25.51
C GLU A 74 5.40 9.30 25.78
N GLY A 75 4.14 9.51 26.14
CA GLY A 75 3.67 10.84 26.49
C GLY A 75 3.82 11.78 25.32
N LYS A 76 4.30 13.00 25.59
CA LYS A 76 4.56 13.97 24.52
C LYS A 76 5.41 13.38 23.40
N ALA A 77 6.34 12.48 23.72
CA ALA A 77 7.25 11.94 22.74
C ALA A 77 6.67 10.79 21.93
N ARG A 78 5.44 10.36 22.22
CA ARG A 78 4.86 9.22 21.51
C ARG A 78 4.62 9.57 20.05
N SER A 79 5.21 8.82 19.14
CA SER A 79 5.24 9.18 17.73
C SER A 79 5.09 7.95 16.85
N GLY A 80 4.67 8.19 15.60
CA GLY A 80 4.74 7.14 14.61
C GLY A 80 6.17 6.77 14.25
N TYR A 81 6.32 5.56 13.73
CA TYR A 81 7.64 5.01 13.45
C TYR A 81 7.57 4.10 12.24
N MET A 82 8.49 4.28 11.28
CA MET A 82 8.53 3.42 10.12
C MET A 82 9.74 2.49 10.08
N GLY A 83 10.81 2.83 10.81
CA GLY A 83 11.98 1.97 10.83
C GLY A 83 12.83 2.09 9.59
N ALA A 84 13.05 3.31 9.10
CA ALA A 84 13.92 3.50 7.95
C ALA A 84 14.67 4.80 8.12
N GLY A 85 15.84 4.89 7.50
CA GLY A 85 16.62 6.11 7.59
C GLY A 85 17.41 6.37 6.33
N VAL A 86 18.00 7.56 6.27
CA VAL A 86 18.81 7.99 5.14
C VAL A 86 20.25 8.07 5.60
N ALA A 87 21.16 8.42 4.69
CA ALA A 87 22.58 8.46 5.04
C ALA A 87 22.84 9.56 6.07
N GLY A 88 23.79 9.30 6.96
CA GLY A 88 24.22 10.27 7.95
C GLY A 88 23.81 9.89 9.36
N THR A 89 23.75 10.92 10.21
CA THR A 89 23.46 10.75 11.63
C THR A 89 22.55 11.87 12.10
N VAL A 93 17.40 11.81 10.72
CA VAL A 93 17.90 10.87 9.71
C VAL A 93 17.12 9.56 9.78
N LEU A 94 16.46 9.29 10.89
CA LEU A 94 15.68 8.08 11.05
C LEU A 94 14.19 8.43 11.17
N ALA A 95 13.36 7.61 10.52
CA ALA A 95 11.91 7.77 10.63
C ALA A 95 11.29 6.49 11.16
N SER B 1 -23.61 -12.97 -0.84
CA SER B 1 -22.43 -12.30 -0.28
C SER B 1 -21.17 -13.17 -0.42
N LEU B 2 -20.49 -13.02 -1.55
CA LEU B 2 -19.35 -13.86 -1.86
C LEU B 2 -18.15 -13.49 -1.01
N PRO B 3 -17.48 -14.46 -0.37
CA PRO B 3 -16.26 -14.15 0.38
C PRO B 3 -15.20 -13.54 -0.53
N PRO B 4 -14.48 -12.53 -0.05
CA PRO B 4 -13.52 -11.80 -0.90
C PRO B 4 -12.17 -12.51 -0.94
N VAL B 5 -12.19 -13.71 -1.53
CA VAL B 5 -11.04 -14.61 -1.62
C VAL B 5 -10.69 -14.73 -3.10
N LEU B 6 -9.43 -14.41 -3.44
CA LEU B 6 -9.03 -14.30 -4.83
C LEU B 6 -8.90 -15.68 -5.45
N ALA B 7 -9.61 -15.89 -6.55
CA ALA B 7 -9.52 -17.13 -7.31
C ALA B 7 -8.99 -16.94 -8.71
N GLU B 8 -8.89 -15.70 -9.20
CA GLU B 8 -8.31 -15.45 -10.50
C GLU B 8 -7.58 -14.12 -10.48
N LEU B 9 -6.54 -14.01 -11.31
CA LEU B 9 -5.75 -12.80 -11.44
C LEU B 9 -5.43 -12.54 -12.91
N ASP B 10 -5.58 -11.29 -13.32
CA ASP B 10 -5.15 -10.86 -14.63
C ASP B 10 -3.62 -10.71 -14.59
N PRO B 11 -2.87 -11.46 -15.40
CA PRO B 11 -1.40 -11.38 -15.34
C PRO B 11 -0.85 -10.01 -15.68
N LYS B 12 -1.62 -9.18 -16.39
CA LYS B 12 -1.23 -7.81 -16.71
C LYS B 12 -1.97 -6.77 -15.88
N GLY B 13 -2.69 -7.18 -14.84
CA GLY B 13 -3.44 -6.25 -14.03
C GLY B 13 -2.70 -5.69 -12.84
N PRO B 14 -3.29 -4.67 -12.21
CA PRO B 14 -2.68 -4.10 -11.00
C PRO B 14 -2.54 -5.08 -9.85
N ALA B 15 -3.49 -6.00 -9.67
CA ALA B 15 -3.45 -6.88 -8.50
C ALA B 15 -2.21 -7.76 -8.52
N GLN B 16 -1.93 -8.40 -9.66
CA GLN B 16 -0.74 -9.26 -9.67
C GLN B 16 0.52 -8.42 -9.52
N ALA B 17 0.58 -7.27 -10.19
CA ALA B 17 1.76 -6.40 -10.08
C ALA B 17 2.00 -5.96 -8.64
N ALA B 18 0.95 -5.89 -7.83
CA ALA B 18 1.05 -5.44 -6.46
C ALA B 18 1.46 -6.56 -5.49
N GLY B 19 1.52 -7.79 -5.96
CA GLY B 19 1.89 -8.91 -5.11
C GLY B 19 0.74 -9.69 -4.56
N LEU B 20 -0.48 -9.49 -5.07
CA LEU B 20 -1.59 -10.31 -4.63
C LEU B 20 -1.49 -11.70 -5.25
N LYS B 21 -2.07 -12.69 -4.56
CA LYS B 21 -1.93 -14.09 -4.94
C LYS B 21 -3.28 -14.79 -4.81
N LEU B 22 -3.45 -15.83 -5.63
CA LEU B 22 -4.60 -16.70 -5.48
C LEU B 22 -4.68 -17.19 -4.03
N GLY B 23 -5.89 -17.15 -3.49
CA GLY B 23 -6.12 -17.57 -2.12
C GLY B 23 -6.16 -16.43 -1.13
N ASP B 24 -5.62 -15.27 -1.50
CA ASP B 24 -5.63 -14.11 -0.61
C ASP B 24 -7.05 -13.72 -0.24
N ARG B 25 -7.25 -13.32 1.01
CA ARG B 25 -8.53 -12.78 1.45
C ARG B 25 -8.37 -11.28 1.71
N LEU B 26 -9.19 -10.46 1.05
CA LEU B 26 -9.13 -9.01 1.22
C LEU B 26 -9.89 -8.65 2.50
N GLN B 27 -9.18 -8.08 3.47
CA GLN B 27 -9.78 -7.76 4.76
C GLN B 27 -10.29 -6.33 4.83
N SER B 28 -9.60 -5.38 4.20
CA SER B 28 -10.04 -3.99 4.20
C SER B 28 -9.48 -3.31 2.96
N ILE B 29 -10.17 -2.26 2.53
CA ILE B 29 -9.71 -1.37 1.46
C ILE B 29 -9.71 0.04 2.03
N ASP B 30 -8.55 0.69 1.97
CA ASP B 30 -8.37 2.03 2.52
C ASP B 30 -8.99 2.17 3.92
N GLY B 31 -8.68 1.18 4.75
CA GLY B 31 -9.11 1.22 6.14
C GLY B 31 -10.52 0.80 6.41
N ILE B 32 -11.30 0.44 5.38
CA ILE B 32 -12.70 0.07 5.55
C ILE B 32 -12.84 -1.43 5.40
N ALA B 33 -13.37 -2.08 6.43
CA ALA B 33 -13.54 -3.54 6.41
C ALA B 33 -14.35 -4.00 5.20
N VAL B 34 -13.90 -5.10 4.60
CA VAL B 34 -14.54 -5.65 3.41
C VAL B 34 -15.59 -6.66 3.87
N ASP B 35 -16.85 -6.40 3.51
CA ASP B 35 -17.93 -7.30 3.89
C ASP B 35 -18.06 -8.47 2.92
N ASP B 36 -17.90 -8.22 1.62
CA ASP B 36 -18.11 -9.23 0.60
C ASP B 36 -17.44 -8.76 -0.69
N TRP B 37 -17.46 -9.61 -1.71
CA TRP B 37 -16.80 -9.26 -2.97
C TRP B 37 -17.47 -8.09 -3.66
N GLN B 38 -18.79 -7.99 -3.58
CA GLN B 38 -19.46 -6.88 -4.28
C GLN B 38 -18.95 -5.54 -3.78
N GLN B 39 -18.62 -5.45 -2.49
CA GLN B 39 -18.07 -4.20 -1.97
C GLN B 39 -16.77 -3.84 -2.66
N VAL B 40 -15.91 -4.84 -2.89
CA VAL B 40 -14.66 -4.59 -3.61
C VAL B 40 -14.95 -4.13 -5.02
N VAL B 41 -15.84 -4.85 -5.71
CA VAL B 41 -16.18 -4.49 -7.09
C VAL B 41 -16.66 -3.06 -7.16
N ASP B 42 -17.60 -2.70 -6.27
CA ASP B 42 -18.19 -1.37 -6.31
C ASP B 42 -17.13 -0.31 -6.03
N SER B 43 -16.25 -0.57 -5.06
CA SER B 43 -15.23 0.41 -4.71
CA SER B 43 -15.24 0.41 -4.70
C SER B 43 -14.20 0.57 -5.81
N VAL B 44 -13.76 -0.54 -6.42
CA VAL B 44 -12.79 -0.48 -7.49
C VAL B 44 -13.36 0.23 -8.72
N ARG B 45 -14.57 -0.17 -9.13
CA ARG B 45 -15.17 0.39 -10.33
C ARG B 45 -15.28 1.90 -10.23
N ALA B 46 -15.49 2.43 -9.03
CA ALA B 46 -15.68 3.86 -8.81
C ALA B 46 -14.38 4.65 -8.82
N ARG B 47 -13.22 3.98 -8.89
CA ARG B 47 -11.94 4.65 -8.61
C ARG B 47 -10.91 4.42 -9.70
N PRO B 48 -11.22 4.75 -10.96
CA PRO B 48 -10.20 4.60 -12.01
C PRO B 48 -8.98 5.45 -11.69
N GLY B 49 -7.80 4.84 -11.79
CA GLY B 49 -6.54 5.51 -11.60
C GLY B 49 -6.11 5.74 -10.16
N GLN B 50 -6.93 5.35 -9.18
CA GLN B 50 -6.67 5.68 -7.77
C GLN B 50 -5.73 4.70 -7.10
N ARG B 51 -4.87 5.25 -6.23
CA ARG B 51 -4.14 4.42 -5.28
C ARG B 51 -5.11 3.82 -4.26
N VAL B 52 -4.95 2.55 -3.98
CA VAL B 52 -5.75 1.91 -2.94
C VAL B 52 -4.82 1.04 -2.11
N GLN B 53 -5.11 0.99 -0.81
CA GLN B 53 -4.35 0.20 0.15
C GLN B 53 -5.25 -0.89 0.73
N LEU B 54 -4.69 -2.09 0.85
CA LEU B 54 -5.43 -3.26 1.32
C LEU B 54 -4.76 -3.86 2.55
N LYS B 55 -5.59 -4.38 3.44
CA LYS B 55 -5.16 -5.41 4.39
C LYS B 55 -5.57 -6.75 3.81
N VAL B 56 -4.63 -7.70 3.81
CA VAL B 56 -4.80 -8.98 3.13
C VAL B 56 -4.39 -10.09 4.09
N LEU B 57 -5.22 -11.11 4.20
CA LEU B 57 -4.89 -12.33 4.94
C LEU B 57 -4.39 -13.39 3.97
N ARG B 58 -3.16 -13.84 4.18
CA ARG B 58 -2.54 -14.85 3.34
C ARG B 58 -1.98 -15.91 4.25
N ASP B 59 -2.54 -17.13 4.18
CA ASP B 59 -2.02 -18.27 4.94
C ASP B 59 -1.77 -17.92 6.40
N GLY B 60 -2.76 -17.25 7.01
CA GLY B 60 -2.73 -16.91 8.42
C GLY B 60 -1.97 -15.64 8.78
N GLU B 61 -1.32 -15.00 7.83
CA GLU B 61 -0.56 -13.80 8.10
C GLU B 61 -1.22 -12.61 7.43
N VAL B 62 -1.30 -11.49 8.15
CA VAL B 62 -1.89 -10.27 7.62
C VAL B 62 -0.78 -9.42 7.02
N LEU B 63 -0.98 -8.98 5.78
CA LEU B 63 0.01 -8.12 5.16
C LEU B 63 -0.68 -6.89 4.56
N ASP B 64 0.13 -5.90 4.24
CA ASP B 64 -0.32 -4.64 3.68
C ASP B 64 0.05 -4.62 2.21
N VAL B 65 -0.91 -4.30 1.35
CA VAL B 65 -0.68 -4.31 -0.09
C VAL B 65 -1.15 -2.97 -0.64
N ALA B 66 -0.34 -2.37 -1.51
CA ALA B 66 -0.71 -1.13 -2.18
C ALA B 66 -0.78 -1.36 -3.68
N LEU B 67 -1.72 -0.69 -4.33
CA LEU B 67 -1.76 -0.78 -5.77
C LEU B 67 -2.35 0.50 -6.34
N GLU B 68 -2.20 0.65 -7.65
CA GLU B 68 -2.86 1.72 -8.37
C GLU B 68 -3.84 1.10 -9.35
N LEU B 69 -5.10 1.46 -9.21
CA LEU B 69 -6.12 0.87 -10.07
C LEU B 69 -5.95 1.35 -11.51
N ALA B 70 -6.21 0.45 -12.43
CA ALA B 70 -6.17 0.76 -13.85
C ALA B 70 -7.57 1.16 -14.30
N VAL B 71 -7.78 1.25 -15.61
CA VAL B 71 -9.02 1.76 -16.20
C VAL B 71 -9.44 0.82 -17.31
N ARG B 72 -10.73 0.47 -17.36
CA ARG B 72 -11.33 -0.30 -18.43
C ARG B 72 -12.64 0.36 -18.84
N GLY B 73 -13.04 0.16 -20.10
CA GLY B 73 -14.29 0.70 -20.57
C GLY B 73 -14.17 2.14 -21.02
N GLU B 74 -15.26 2.65 -21.59
CA GLU B 74 -15.27 3.96 -22.21
C GLU B 74 -16.62 4.63 -21.91
N GLY B 75 -16.61 5.97 -21.87
CA GLY B 75 -17.84 6.71 -21.67
C GLY B 75 -18.48 6.34 -20.33
N LYS B 76 -19.80 6.14 -20.34
CA LYS B 76 -20.50 5.76 -19.11
C LYS B 76 -19.88 4.52 -18.47
N ALA B 77 -19.34 3.62 -19.29
CA ALA B 77 -18.81 2.35 -18.81
C ALA B 77 -17.39 2.46 -18.27
N ARG B 78 -16.75 3.62 -18.37
CA ARG B 78 -15.36 3.76 -17.95
C ARG B 78 -15.26 3.58 -16.43
N SER B 79 -14.46 2.61 -16.00
CA SER B 79 -14.42 2.22 -14.60
C SER B 79 -13.01 1.91 -14.15
N GLY B 80 -12.83 1.88 -12.82
CA GLY B 80 -11.61 1.35 -12.26
C GLY B 80 -11.51 -0.16 -12.43
N TYR B 81 -10.28 -0.65 -12.40
CA TYR B 81 -10.01 -2.07 -12.66
C TYR B 81 -8.83 -2.54 -11.83
N MET B 82 -9.02 -3.64 -11.11
CA MET B 82 -7.93 -4.19 -10.31
C MET B 82 -7.34 -5.47 -10.90
N GLY B 83 -8.08 -6.20 -11.71
CA GLY B 83 -7.56 -7.41 -12.30
C GLY B 83 -7.59 -8.61 -11.37
N ALA B 84 -8.67 -8.78 -10.63
CA ALA B 84 -8.76 -9.91 -9.72
C ALA B 84 -10.21 -10.36 -9.66
N GLY B 85 -10.41 -11.64 -9.38
CA GLY B 85 -11.75 -12.19 -9.32
C GLY B 85 -11.87 -13.25 -8.26
N VAL B 86 -13.13 -13.58 -7.94
CA VAL B 86 -13.43 -14.64 -6.99
C VAL B 86 -14.01 -15.82 -7.75
N ALA B 87 -14.29 -16.90 -7.05
CA ALA B 87 -14.78 -18.10 -7.71
C ALA B 87 -16.15 -17.83 -8.33
N GLY B 88 -16.40 -18.46 -9.47
CA GLY B 88 -17.68 -18.41 -10.13
C GLY B 88 -17.64 -17.66 -11.45
N THR B 89 -18.83 -17.24 -11.88
CA THR B 89 -19.00 -16.58 -13.18
C THR B 89 -19.97 -15.41 -13.06
N VAL B 93 -18.00 -11.40 -11.08
CA VAL B 93 -17.04 -11.94 -10.12
C VAL B 93 -15.65 -11.36 -10.36
N LEU B 94 -15.57 -10.32 -11.20
CA LEU B 94 -14.32 -9.69 -11.59
C LEU B 94 -14.28 -8.24 -11.13
N ALA B 95 -13.13 -7.83 -10.63
CA ALA B 95 -12.93 -6.44 -10.25
C ALA B 95 -11.71 -5.91 -10.99
#